data_5NNH
#
_entry.id   5NNH
#
_cell.length_a   105.201
_cell.length_b   53.811
_cell.length_c   40.811
_cell.angle_alpha   90.000
_cell.angle_beta   93.390
_cell.angle_gamma   90.000
#
_symmetry.space_group_name_H-M   'C 1 2 1'
#
loop_
_entity.id
_entity.type
_entity.pdbx_description
1 polymer 'Uracil-DNA glycosylase'
2 non-polymer 'SULFATE ION'
3 water water
#
_entity_poly.entity_id   1
_entity_poly.type   'polypeptide(L)'
_entity_poly.pdbx_seq_one_letter_code
;SASGVDDRDLLLAPKWISFLSLSSFLKQKLLSLLRQIRELRLTTTVYPPQDKLMWWSHCCDPEDIKVVILGQDPYHKGQA
TGLAFSVDPQCQVPPSLRSIFRELEASVPNFSTPSHGCLDSWARQGVLLLNTVLTVEKGRAGSHEGLGWDWFTSFIISSI
SSKLEHCVFLLWGRKAIDRTPLINAQKHLVLTAQHPSPLASLGGRHSRWPRFQGCNHFNLANDYLTRHRRETVDWGLLEQ
;
_entity_poly.pdbx_strand_id   A
#
# COMPACT_ATOMS: atom_id res chain seq x y z
N GLY A 4 -17.99 21.91 6.95
CA GLY A 4 -18.87 21.50 5.81
C GLY A 4 -18.86 20.01 5.48
N VAL A 5 -17.76 19.33 5.82
CA VAL A 5 -17.58 17.90 5.54
C VAL A 5 -17.61 17.12 6.84
N ASP A 6 -18.59 16.21 6.94
CA ASP A 6 -18.59 15.17 7.93
C ASP A 6 -17.35 14.34 7.62
N ASP A 7 -16.36 14.41 8.51
CA ASP A 7 -15.11 13.69 8.32
C ASP A 7 -15.30 12.18 8.19
N ARG A 8 -16.38 11.62 8.76
CA ARG A 8 -16.63 10.19 8.58
C ARG A 8 -16.96 9.80 7.15
N ASP A 9 -17.48 10.74 6.36
CA ASP A 9 -17.71 10.44 4.94
C ASP A 9 -16.43 10.26 4.15
N LEU A 10 -15.32 10.71 4.72
CA LEU A 10 -14.03 10.48 4.14
C LEU A 10 -13.50 9.04 4.38
N LEU A 11 -14.13 8.23 5.24
CA LEU A 11 -13.78 6.82 5.38
C LEU A 11 -12.43 6.56 6.07
N LEU A 12 -11.46 7.46 5.92
CA LEU A 12 -10.18 7.38 6.64
C LEU A 12 -10.32 7.34 8.14
N ALA A 13 -9.54 6.51 8.80
CA ALA A 13 -9.39 6.61 10.25
C ALA A 13 -9.04 8.06 10.64
N PRO A 14 -9.50 8.52 11.81
CA PRO A 14 -9.31 9.94 12.16
C PRO A 14 -7.85 10.33 12.43
N LYS A 15 -7.03 9.44 12.97
CA LYS A 15 -5.56 9.70 13.06
C LYS A 15 -4.95 10.12 11.73
N TRP A 16 -5.44 9.51 10.65
CA TRP A 16 -4.98 9.81 9.31
C TRP A 16 -5.51 11.11 8.76
N ILE A 17 -6.72 11.49 9.17
CA ILE A 17 -7.32 12.77 8.81
C ILE A 17 -6.48 13.91 9.36
N SER A 18 -6.15 13.84 10.65
CA SER A 18 -5.32 14.88 11.28
C SER A 18 -3.89 14.89 10.76
N PHE A 19 -3.36 13.69 10.49
CA PHE A 19 -2.03 13.57 9.91
C PHE A 19 -1.96 14.20 8.51
N LEU A 20 -2.94 13.86 7.68
CA LEU A 20 -2.94 14.33 6.31
C LEU A 20 -3.38 15.81 6.28
N SER A 21 -4.18 16.22 7.27
CA SER A 21 -4.87 17.54 7.37
C SER A 21 -5.23 18.10 6.00
N LEU A 22 -6.13 17.38 5.38
CA LEU A 22 -6.66 17.72 4.10
C LEU A 22 -7.43 19.04 4.24
N SER A 23 -7.25 19.93 3.28
CA SER A 23 -8.06 21.17 3.19
C SER A 23 -9.52 20.80 2.87
N SER A 24 -10.43 21.76 3.01
CA SER A 24 -11.81 21.51 2.69
C SER A 24 -11.94 21.12 1.22
N PHE A 25 -11.14 21.75 0.36
CA PHE A 25 -11.09 21.45 -1.07
C PHE A 25 -10.74 20.00 -1.35
N LEU A 26 -9.68 19.50 -0.75
CA LEU A 26 -9.24 18.11 -1.00
C LEU A 26 -10.20 17.08 -0.45
N LYS A 27 -10.83 17.41 0.68
CA LYS A 27 -11.90 16.60 1.23
C LYS A 27 -13.06 16.55 0.26
N GLN A 28 -13.47 17.69 -0.31
CA GLN A 28 -14.51 17.64 -1.36
C GLN A 28 -14.14 16.78 -2.54
N LYS A 29 -12.92 16.95 -3.03
CA LYS A 29 -12.35 16.19 -4.15
C LYS A 29 -12.40 14.69 -3.87
N LEU A 30 -12.04 14.31 -2.64
CA LEU A 30 -12.14 12.91 -2.20
C LEU A 30 -13.61 12.42 -2.11
N LEU A 31 -14.47 13.24 -1.51
CA LEU A 31 -15.90 12.91 -1.42
C LEU A 31 -16.53 12.75 -2.80
N SER A 32 -16.20 13.63 -3.75
CA SER A 32 -16.71 13.46 -5.12
C SER A 32 -16.26 12.15 -5.76
N LEU A 33 -14.99 11.78 -5.59
CA LEU A 33 -14.50 10.50 -6.09
C LEU A 33 -15.23 9.30 -5.45
N LEU A 34 -15.34 9.32 -4.12
CA LEU A 34 -16.06 8.28 -3.39
C LEU A 34 -17.48 8.15 -3.89
N ARG A 35 -18.14 9.31 -4.14
CA ARG A 35 -19.51 9.32 -4.70
C ARG A 35 -19.57 8.66 -6.08
N GLN A 36 -18.63 9.00 -6.95
CA GLN A 36 -18.54 8.39 -8.29
C GLN A 36 -18.37 6.88 -8.21
N ILE A 37 -17.54 6.42 -7.28
CA ILE A 37 -17.36 4.98 -7.07
C ILE A 37 -18.67 4.32 -6.68
N ARG A 38 -19.40 4.96 -5.75
CA ARG A 38 -20.69 4.48 -5.30
C ARG A 38 -21.64 4.38 -6.49
N GLU A 39 -21.72 5.44 -7.29
CA GLU A 39 -22.62 5.41 -8.48
C GLU A 39 -22.23 4.25 -9.44
N LEU A 40 -20.94 4.11 -9.73
CA LEU A 40 -20.44 2.98 -10.53
C LEU A 40 -20.88 1.58 -9.98
N ARG A 41 -20.95 1.43 -8.66
CA ARG A 41 -21.35 0.14 -8.03
C ARG A 41 -22.78 -0.31 -8.36
N LEU A 42 -23.61 0.60 -8.85
CA LEU A 42 -24.95 0.26 -9.31
C LEU A 42 -24.97 -0.57 -10.61
N THR A 43 -23.96 -0.38 -11.46
CA THR A 43 -23.85 -1.05 -12.77
C THR A 43 -22.84 -2.16 -12.75
N THR A 44 -21.77 -1.96 -11.99
CA THR A 44 -20.63 -2.84 -11.99
C THR A 44 -20.31 -3.28 -10.58
N THR A 45 -19.42 -4.27 -10.50
CA THR A 45 -18.84 -4.73 -9.25
C THR A 45 -17.45 -4.13 -9.17
N VAL A 46 -17.20 -3.38 -8.10
CA VAL A 46 -15.90 -2.72 -7.83
C VAL A 46 -15.23 -3.38 -6.64
N TYR A 47 -13.92 -3.63 -6.69
CA TYR A 47 -13.19 -4.21 -5.56
C TYR A 47 -12.19 -3.20 -5.05
N PRO A 48 -11.94 -3.14 -3.75
CA PRO A 48 -12.66 -3.87 -2.70
C PRO A 48 -14.01 -3.20 -2.36
N PRO A 49 -14.79 -3.76 -1.40
CA PRO A 49 -16.02 -3.07 -0.95
C PRO A 49 -15.76 -1.66 -0.44
N GLN A 50 -16.81 -0.86 -0.42
CA GLN A 50 -16.65 0.58 -0.13
C GLN A 50 -16.00 0.80 1.24
N ASP A 51 -16.32 -0.11 2.17
CA ASP A 51 -15.90 -0.04 3.55
C ASP A 51 -14.48 -0.58 3.79
N LYS A 52 -13.80 -1.03 2.73
CA LYS A 52 -12.41 -1.47 2.79
C LYS A 52 -11.45 -0.57 2.05
N LEU A 53 -11.92 0.47 1.35
CA LEU A 53 -11.01 1.31 0.56
C LEU A 53 -9.89 1.95 1.40
N MET A 54 -10.21 2.29 2.64
CA MET A 54 -9.24 2.88 3.58
C MET A 54 -8.85 1.96 4.74
N TRP A 55 -9.02 0.64 4.59
CA TRP A 55 -8.66 -0.35 5.64
C TRP A 55 -7.23 -0.19 6.20
N TRP A 56 -6.30 0.14 5.31
CA TRP A 56 -4.89 0.47 5.63
C TRP A 56 -4.69 1.60 6.66
N SER A 57 -5.67 2.51 6.77
CA SER A 57 -5.63 3.57 7.78
C SER A 57 -6.03 3.07 9.17
N HIS A 58 -6.79 1.98 9.21
CA HIS A 58 -7.31 1.45 10.47
C HIS A 58 -6.32 0.54 11.19
N CYS A 59 -5.38 -0.04 10.44
CA CYS A 59 -4.36 -0.96 11.00
C CYS A 59 -3.07 -0.28 11.56
N CYS A 60 -2.78 0.93 11.06
CA CYS A 60 -1.54 1.72 11.34
C CYS A 60 -1.82 3.14 11.86
N ASP A 61 -1.20 3.55 12.97
CA ASP A 61 -1.04 4.96 13.31
C ASP A 61 0.07 5.51 12.40
N PRO A 62 -0.16 6.68 11.75
CA PRO A 62 0.77 7.12 10.72
C PRO A 62 2.19 7.38 11.21
N GLU A 63 2.36 7.75 12.47
CA GLU A 63 3.69 8.01 13.02
C GLU A 63 4.52 6.74 13.22
N ASP A 64 3.84 5.62 13.36
CA ASP A 64 4.49 4.31 13.55
C ASP A 64 4.93 3.69 12.23
N ILE A 65 4.74 4.38 11.10
CA ILE A 65 5.20 3.83 9.84
C ILE A 65 6.74 3.71 9.80
N LYS A 66 7.17 2.53 9.36
CA LYS A 66 8.57 2.22 9.15
C LYS A 66 8.85 1.99 7.68
N VAL A 67 7.97 1.23 7.02
CA VAL A 67 8.12 0.86 5.61
C VAL A 67 6.81 1.13 4.87
N VAL A 68 6.90 1.71 3.66
CA VAL A 68 5.76 1.89 2.81
C VAL A 68 6.01 0.99 1.65
N ILE A 69 5.07 0.07 1.40
CA ILE A 69 5.09 -0.74 0.20
C ILE A 69 3.96 -0.26 -0.67
N LEU A 70 4.25 -0.07 -1.94
CA LEU A 70 3.33 0.53 -2.85
C LEU A 70 3.06 -0.39 -4.05
N GLY A 71 1.79 -0.72 -4.28
CA GLY A 71 1.36 -1.50 -5.45
C GLY A 71 0.69 -0.65 -6.50
N GLN A 72 0.14 -1.32 -7.50
CA GLN A 72 -0.58 -0.67 -8.60
C GLN A 72 -2.08 -0.42 -8.26
N ASP A 73 -2.93 -1.37 -8.55
CA ASP A 73 -4.35 -1.27 -8.22
C ASP A 73 -4.73 -2.60 -7.51
N PRO A 74 -5.99 -2.70 -7.00
CA PRO A 74 -6.30 -3.91 -6.23
C PRO A 74 -6.41 -5.15 -7.08
N TYR A 75 -6.25 -6.30 -6.42
CA TYR A 75 -6.73 -7.54 -6.97
C TYR A 75 -8.17 -7.37 -7.55
N HIS A 76 -8.42 -8.06 -8.65
CA HIS A 76 -9.59 -7.83 -9.51
C HIS A 76 -10.58 -9.02 -9.62
N LYS A 77 -10.35 -10.11 -8.87
CA LYS A 77 -11.21 -11.32 -8.88
C LYS A 77 -11.69 -11.76 -7.48
N GLY A 78 -11.97 -10.81 -6.60
CA GLY A 78 -12.52 -11.09 -5.27
C GLY A 78 -11.55 -10.99 -4.10
N GLN A 79 -10.25 -11.15 -4.39
CA GLN A 79 -9.20 -11.27 -3.36
C GLN A 79 -8.88 -9.99 -2.56
N ALA A 80 -9.30 -8.81 -3.04
CA ALA A 80 -8.82 -7.55 -2.43
C ALA A 80 -9.47 -7.29 -1.06
N THR A 81 -8.61 -6.98 -0.08
CA THR A 81 -8.97 -6.72 1.33
C THR A 81 -8.91 -5.23 1.73
N GLY A 82 -8.40 -4.35 0.87
CA GLY A 82 -8.14 -2.96 1.28
C GLY A 82 -6.69 -2.61 1.65
N LEU A 83 -5.90 -3.65 1.83
CA LEU A 83 -4.45 -3.59 2.09
C LEU A 83 -3.76 -4.11 0.83
N ALA A 84 -2.86 -3.33 0.22
CA ALA A 84 -2.04 -3.87 -0.89
C ALA A 84 -1.49 -5.32 -0.67
N PHE A 85 -1.56 -6.14 -1.73
CA PHE A 85 -1.08 -7.53 -1.78
C PHE A 85 -1.70 -8.60 -0.87
N SER A 86 -2.37 -8.17 0.20
CA SER A 86 -3.01 -9.05 1.20
C SER A 86 -4.27 -9.77 0.63
N VAL A 87 -4.54 -11.01 1.08
CA VAL A 87 -5.79 -11.72 0.69
C VAL A 87 -6.60 -12.23 1.88
N ASP A 88 -7.93 -12.22 1.74
CA ASP A 88 -8.79 -12.86 2.70
C ASP A 88 -8.43 -14.33 2.78
N PRO A 89 -8.69 -14.98 3.93
CA PRO A 89 -8.43 -16.43 4.10
C PRO A 89 -9.28 -17.33 3.21
N GLN A 90 -10.35 -16.79 2.62
CA GLN A 90 -11.21 -17.55 1.69
C GLN A 90 -10.52 -17.83 0.36
N CYS A 91 -9.49 -17.01 0.03
CA CYS A 91 -8.83 -17.01 -1.28
C CYS A 91 -7.37 -17.56 -1.28
N GLN A 92 -7.05 -18.14 -2.48
CA GLN A 92 -5.75 -18.66 -2.79
C GLN A 92 -4.77 -17.49 -2.92
N VAL A 93 -3.52 -17.78 -2.61
CA VAL A 93 -2.45 -16.78 -2.64
C VAL A 93 -2.19 -16.54 -4.13
N PRO A 94 -2.45 -15.31 -4.61
CA PRO A 94 -2.27 -15.01 -6.03
C PRO A 94 -0.80 -14.92 -6.42
N PRO A 95 -0.48 -14.95 -7.74
CA PRO A 95 0.88 -15.00 -8.24
C PRO A 95 1.84 -13.96 -7.69
N SER A 96 1.40 -12.71 -7.56
CA SER A 96 2.20 -11.62 -6.98
C SER A 96 2.69 -11.89 -5.56
N LEU A 97 1.80 -12.35 -4.68
CA LEU A 97 2.17 -12.64 -3.26
C LEU A 97 3.07 -13.91 -3.11
N ARG A 98 2.78 -14.92 -3.92
CA ARG A 98 3.64 -16.12 -4.01
C ARG A 98 5.10 -15.74 -4.36
N SER A 99 5.24 -14.82 -5.31
CA SER A 99 6.53 -14.32 -5.76
C SER A 99 7.21 -13.50 -4.64
N ILE A 100 6.44 -12.63 -3.97
CA ILE A 100 6.89 -11.91 -2.77
C ILE A 100 7.42 -12.93 -1.75
N PHE A 101 6.63 -13.93 -1.41
CA PHE A 101 7.06 -14.96 -0.43
C PHE A 101 8.34 -15.69 -0.86
N ARG A 102 8.43 -15.98 -2.15
CA ARG A 102 9.61 -16.63 -2.72
C ARG A 102 10.87 -15.80 -2.45
N GLU A 103 10.77 -14.48 -2.57
CA GLU A 103 11.89 -13.58 -2.26
C GLU A 103 12.23 -13.59 -0.77
N LEU A 104 11.24 -13.50 0.10
CA LEU A 104 11.44 -13.60 1.55
C LEU A 104 12.00 -14.99 1.95
N GLU A 105 11.46 -16.06 1.37
CA GLU A 105 11.95 -17.43 1.57
C GLU A 105 13.43 -17.56 1.18
N ALA A 106 13.76 -17.07 -0.01
CA ALA A 106 15.12 -17.10 -0.51
C ALA A 106 16.09 -16.20 0.27
N SER A 107 15.59 -15.11 0.87
CA SER A 107 16.46 -14.06 1.47
C SER A 107 16.44 -13.87 3.01
N VAL A 108 15.31 -14.11 3.65
CA VAL A 108 15.15 -13.77 5.06
C VAL A 108 15.26 -15.05 5.89
N PRO A 109 16.28 -15.14 6.80
CA PRO A 109 16.51 -16.32 7.67
C PRO A 109 15.26 -16.68 8.47
N ASN A 110 15.01 -17.98 8.55
CA ASN A 110 13.84 -18.52 9.26
C ASN A 110 12.44 -18.05 8.76
N PHE A 111 12.36 -17.32 7.64
CA PHE A 111 11.07 -17.09 7.01
C PHE A 111 10.63 -18.42 6.40
N SER A 112 9.47 -18.94 6.80
CA SER A 112 8.82 -20.04 6.08
C SER A 112 7.47 -19.55 5.49
N THR A 113 7.13 -20.03 4.29
CA THR A 113 6.00 -19.53 3.51
C THR A 113 4.66 -19.97 4.14
N PRO A 114 3.81 -18.99 4.53
CA PRO A 114 2.55 -19.41 5.15
C PRO A 114 1.56 -19.95 4.14
N SER A 115 0.58 -20.72 4.64
CA SER A 115 -0.50 -21.30 3.82
C SER A 115 -1.68 -20.33 3.56
N HIS A 116 -1.55 -19.13 4.10
CA HIS A 116 -2.51 -18.05 3.92
C HIS A 116 -1.73 -16.79 3.42
N GLY A 117 -2.48 -15.82 2.88
CA GLY A 117 -1.90 -14.58 2.34
C GLY A 117 -2.23 -13.31 3.11
N CYS A 118 -2.48 -13.45 4.41
CA CYS A 118 -2.85 -12.33 5.28
C CYS A 118 -1.64 -11.56 5.80
N LEU A 119 -1.63 -10.27 5.45
CA LEU A 119 -0.47 -9.38 5.70
C LEU A 119 -0.73 -8.39 6.82
N ASP A 120 -1.75 -8.65 7.64
CA ASP A 120 -2.14 -7.71 8.69
C ASP A 120 -1.03 -7.60 9.75
N SER A 121 -0.32 -8.70 10.01
CA SER A 121 0.86 -8.70 10.89
C SER A 121 1.93 -7.68 10.49
N TRP A 122 2.14 -7.51 9.19
CA TRP A 122 3.07 -6.49 8.69
C TRP A 122 2.53 -5.08 9.02
N ALA A 123 1.24 -4.87 8.77
CA ALA A 123 0.54 -3.63 9.13
C ALA A 123 0.70 -3.20 10.59
N ARG A 124 0.52 -4.11 11.54
CA ARG A 124 0.76 -3.82 12.97
C ARG A 124 2.25 -3.62 13.37
N GLN A 125 3.18 -4.01 12.49
CA GLN A 125 4.60 -3.68 12.64
C GLN A 125 5.03 -2.41 11.91
N GLY A 126 4.08 -1.65 11.41
CA GLY A 126 4.35 -0.39 10.73
C GLY A 126 4.72 -0.51 9.28
N VAL A 127 4.29 -1.57 8.60
CA VAL A 127 4.39 -1.61 7.17
C VAL A 127 3.06 -1.17 6.56
N LEU A 128 3.09 -0.05 5.82
CA LEU A 128 1.92 0.47 5.09
C LEU A 128 1.84 -0.12 3.69
N LEU A 129 0.76 -0.83 3.45
CA LEU A 129 0.56 -1.58 2.23
C LEU A 129 -0.49 -0.77 1.45
N LEU A 130 -0.02 0.00 0.46
CA LEU A 130 -0.78 1.02 -0.23
C LEU A 130 -0.78 0.66 -1.72
N ASN A 131 -1.96 0.73 -2.35
CA ASN A 131 -2.12 0.63 -3.80
C ASN A 131 -2.12 2.08 -4.29
N THR A 132 -1.64 2.33 -5.49
CA THR A 132 -1.62 3.68 -6.03
C THR A 132 -3.02 4.09 -6.52
N VAL A 133 -3.80 3.08 -6.91
CA VAL A 133 -5.19 3.20 -7.33
C VAL A 133 -5.96 2.26 -6.40
N LEU A 134 -6.92 2.79 -5.65
CA LEU A 134 -7.59 2.01 -4.60
C LEU A 134 -8.80 1.17 -5.05
N THR A 135 -9.18 1.21 -6.33
CA THR A 135 -10.26 0.39 -6.86
C THR A 135 -9.96 -0.20 -8.24
N VAL A 136 -10.77 -1.19 -8.59
CA VAL A 136 -10.71 -1.91 -9.88
C VAL A 136 -12.10 -2.50 -10.20
N GLU A 137 -12.50 -2.47 -11.48
CA GLU A 137 -13.70 -3.17 -11.92
C GLU A 137 -13.39 -4.67 -11.97
N LYS A 138 -14.31 -5.47 -11.42
CA LYS A 138 -14.24 -6.93 -11.45
C LYS A 138 -13.79 -7.43 -12.81
N GLY A 139 -12.75 -8.26 -12.87
CA GLY A 139 -12.29 -8.85 -14.14
C GLY A 139 -11.26 -8.03 -14.93
N ARG A 140 -11.42 -6.70 -14.96
CA ARG A 140 -10.62 -5.82 -15.81
C ARG A 140 -9.49 -5.19 -15.01
N ALA A 141 -8.27 -5.69 -15.22
CA ALA A 141 -7.09 -5.17 -14.53
C ALA A 141 -6.79 -3.72 -15.00
N GLY A 142 -6.29 -2.90 -14.09
CA GLY A 142 -6.01 -1.49 -14.36
C GLY A 142 -7.19 -0.62 -14.74
N SER A 143 -8.42 -1.13 -14.61
CA SER A 143 -9.59 -0.51 -15.21
C SER A 143 -10.04 0.81 -14.56
N HIS A 144 -9.49 1.16 -13.41
CA HIS A 144 -9.78 2.45 -12.77
C HIS A 144 -8.55 3.38 -12.77
N GLU A 145 -7.64 3.16 -13.74
CA GLU A 145 -6.29 3.80 -13.79
C GLU A 145 -6.33 5.33 -13.86
N GLY A 146 -7.35 5.86 -14.55
CA GLY A 146 -7.51 7.32 -14.73
C GLY A 146 -8.81 7.91 -14.19
N LEU A 147 -9.30 7.32 -13.10
CA LEU A 147 -10.55 7.70 -12.46
C LEU A 147 -10.35 8.80 -11.45
N GLY A 148 -9.14 8.95 -10.91
CA GLY A 148 -8.87 10.01 -9.96
C GLY A 148 -8.35 9.65 -8.61
N TRP A 149 -7.89 8.41 -8.44
CA TRP A 149 -7.15 8.05 -7.22
C TRP A 149 -5.73 8.65 -7.07
N ASP A 150 -5.11 8.97 -8.18
CA ASP A 150 -3.68 9.27 -8.19
C ASP A 150 -3.27 10.47 -7.36
N TRP A 151 -4.00 11.56 -7.40
CA TRP A 151 -3.66 12.72 -6.54
C TRP A 151 -3.65 12.30 -5.03
N PHE A 152 -4.57 11.41 -4.63
CA PHE A 152 -4.78 11.08 -3.23
C PHE A 152 -3.59 10.27 -2.72
N THR A 153 -3.19 9.26 -3.49
CA THR A 153 -2.10 8.38 -3.09
C THR A 153 -0.76 9.09 -3.19
N SER A 154 -0.59 9.93 -4.21
CA SER A 154 0.56 10.83 -4.29
C SER A 154 0.61 11.76 -3.08
N PHE A 155 -0.54 12.25 -2.63
CA PHE A 155 -0.60 13.19 -1.49
C PHE A 155 -0.16 12.51 -0.20
N ILE A 156 -0.65 11.29 0.00
CA ILE A 156 -0.26 10.44 1.13
C ILE A 156 1.24 10.16 1.17
N ILE A 157 1.82 9.82 0.03
CA ILE A 157 3.27 9.52 -0.07
C ILE A 157 4.12 10.73 0.25
N SER A 158 3.76 11.87 -0.32
CA SER A 158 4.39 13.16 0.02
C SER A 158 4.33 13.47 1.52
N SER A 159 3.18 13.28 2.16
CA SER A 159 2.98 13.63 3.57
C SER A 159 3.77 12.73 4.51
N ILE A 160 3.85 11.47 4.19
CA ILE A 160 4.64 10.55 4.97
C ILE A 160 6.10 11.02 4.88
N SER A 161 6.55 11.22 3.65
CA SER A 161 7.88 11.73 3.43
C SER A 161 8.19 13.04 4.17
N SER A 162 7.28 14.00 4.15
CA SER A 162 7.52 15.32 4.79
C SER A 162 7.43 15.27 6.29
N LYS A 163 6.48 14.45 6.79
CA LYS A 163 6.19 14.44 8.22
C LYS A 163 7.02 13.46 9.05
N LEU A 164 7.51 12.40 8.45
CA LEU A 164 8.28 11.37 9.17
C LEU A 164 9.76 11.49 8.79
N GLU A 165 10.61 10.84 9.57
CA GLU A 165 12.06 10.70 9.25
C GLU A 165 12.45 9.25 9.11
N HIS A 166 13.30 8.97 8.14
CA HIS A 166 13.92 7.66 8.03
C HIS A 166 12.88 6.51 7.93
N CYS A 167 11.94 6.64 6.99
CA CYS A 167 11.16 5.54 6.50
C CYS A 167 11.82 4.98 5.26
N VAL A 168 11.42 3.74 4.98
CA VAL A 168 11.80 3.05 3.78
C VAL A 168 10.59 2.89 2.87
N PHE A 169 10.78 3.21 1.60
CA PHE A 169 9.75 3.04 0.60
C PHE A 169 10.19 1.99 -0.39
N LEU A 170 9.42 0.93 -0.53
CA LEU A 170 9.64 -0.10 -1.53
C LEU A 170 8.64 0.09 -2.66
N LEU A 171 9.15 0.40 -3.83
CA LEU A 171 8.30 0.85 -4.91
C LEU A 171 8.46 -0.19 -5.97
N TRP A 172 7.35 -0.85 -6.33
CA TRP A 172 7.42 -2.05 -7.16
C TRP A 172 6.61 -1.91 -8.43
N GLY A 173 7.31 -1.82 -9.56
CA GLY A 173 6.69 -1.54 -10.87
C GLY A 173 6.50 -0.05 -11.20
N ARG A 174 6.20 0.24 -12.46
CA ARG A 174 6.26 1.61 -13.04
C ARG A 174 5.46 2.66 -12.30
N LYS A 175 4.22 2.35 -11.94
CA LYS A 175 3.33 3.35 -11.31
C LYS A 175 3.78 3.75 -9.90
N ALA A 176 4.23 2.76 -9.12
CA ALA A 176 4.81 2.99 -7.79
C ALA A 176 6.09 3.84 -7.93
N ILE A 177 6.93 3.45 -8.88
CA ILE A 177 8.21 4.09 -9.11
C ILE A 177 8.04 5.58 -9.57
N ASP A 178 6.96 5.91 -10.32
CA ASP A 178 6.57 7.30 -10.70
C ASP A 178 6.48 8.28 -9.51
N ARG A 179 6.24 7.76 -8.31
CA ARG A 179 6.12 8.58 -7.11
C ARG A 179 7.45 8.96 -6.50
N THR A 180 8.55 8.40 -7.00
CA THR A 180 9.89 8.71 -6.52
C THR A 180 10.18 10.19 -6.30
N PRO A 181 9.85 11.06 -7.26
CA PRO A 181 10.19 12.46 -7.04
C PRO A 181 9.49 13.13 -5.83
N LEU A 182 8.48 12.49 -5.24
CA LEU A 182 7.78 12.99 -4.08
C LEU A 182 8.42 12.71 -2.76
N ILE A 183 9.47 11.89 -2.72
CA ILE A 183 10.06 11.41 -1.48
C ILE A 183 11.41 12.14 -1.30
N ASN A 184 11.64 12.70 -0.10
CA ASN A 184 12.85 13.46 0.21
C ASN A 184 14.05 12.54 0.33
N ALA A 185 14.96 12.67 -0.63
CA ALA A 185 16.18 11.91 -0.71
C ALA A 185 17.17 12.05 0.47
N GLN A 186 17.06 13.15 1.23
CA GLN A 186 17.96 13.39 2.36
C GLN A 186 17.45 12.83 3.69
N LYS A 187 16.23 12.29 3.71
CA LYS A 187 15.65 11.73 4.92
C LYS A 187 15.32 10.24 4.89
N HIS A 188 15.08 9.67 3.70
CA HIS A 188 14.46 8.34 3.55
C HIS A 188 15.29 7.51 2.64
N LEU A 189 14.95 6.23 2.66
CA LEU A 189 15.43 5.28 1.70
C LEU A 189 14.32 4.86 0.76
N VAL A 190 14.65 4.78 -0.53
CA VAL A 190 13.75 4.23 -1.55
C VAL A 190 14.50 3.11 -2.23
N LEU A 191 13.80 1.99 -2.39
CA LEU A 191 14.30 0.85 -3.09
C LEU A 191 13.28 0.50 -4.17
N THR A 192 13.74 0.36 -5.39
CA THR A 192 12.86 0.17 -6.52
C THR A 192 13.08 -1.23 -7.08
N ALA A 193 12.02 -1.88 -7.53
CA ALA A 193 12.21 -3.05 -8.38
C ALA A 193 11.10 -3.19 -9.41
N GLN A 194 11.33 -4.08 -10.37
CA GLN A 194 10.28 -4.58 -11.22
C GLN A 194 9.11 -5.14 -10.36
N HIS A 195 7.92 -5.14 -10.92
CA HIS A 195 6.77 -5.67 -10.19
C HIS A 195 6.95 -7.19 -9.92
N PRO A 196 6.51 -7.68 -8.74
CA PRO A 196 6.61 -9.12 -8.37
C PRO A 196 5.83 -10.15 -9.22
N SER A 197 4.68 -9.80 -9.80
CA SER A 197 4.00 -10.71 -10.75
C SER A 197 4.90 -11.06 -11.94
N PRO A 198 4.79 -12.30 -12.48
CA PRO A 198 5.41 -12.57 -13.79
C PRO A 198 4.42 -12.42 -14.93
N ARG A 208 14.13 -2.51 -17.65
CA ARG A 208 14.12 -1.09 -17.27
C ARG A 208 14.61 -0.89 -15.83
N TRP A 209 13.99 -1.62 -14.89
CA TRP A 209 14.30 -1.56 -13.44
C TRP A 209 14.96 -2.86 -12.93
N PRO A 210 15.44 -2.87 -11.67
CA PRO A 210 16.11 -4.11 -11.19
C PRO A 210 15.11 -5.24 -10.98
N ARG A 211 15.57 -6.46 -11.26
CA ARG A 211 14.77 -7.66 -11.08
C ARG A 211 14.27 -7.78 -9.63
N PHE A 212 13.05 -8.28 -9.48
CA PHE A 212 12.47 -8.50 -8.18
C PHE A 212 13.06 -9.71 -7.45
N GLN A 213 13.23 -10.81 -8.19
CA GLN A 213 13.95 -11.98 -7.72
C GLN A 213 15.38 -11.53 -7.52
N GLY A 214 15.80 -11.44 -6.26
CA GLY A 214 17.15 -11.01 -5.90
C GLY A 214 17.24 -9.61 -5.32
N CYS A 215 16.15 -8.83 -5.36
CA CYS A 215 16.19 -7.44 -4.92
C CYS A 215 16.63 -7.24 -3.44
N ASN A 216 16.32 -8.18 -2.56
CA ASN A 216 16.76 -8.16 -1.13
C ASN A 216 16.19 -6.98 -0.35
N HIS A 217 15.02 -6.51 -0.77
CA HIS A 217 14.44 -5.30 -0.23
C HIS A 217 14.13 -5.43 1.23
N PHE A 218 13.77 -6.63 1.62
CA PHE A 218 13.30 -6.87 2.98
C PHE A 218 14.42 -6.76 4.01
N ASN A 219 15.58 -7.38 3.73
CA ASN A 219 16.78 -7.23 4.57
C ASN A 219 17.39 -5.85 4.47
N LEU A 220 17.40 -5.24 3.29
CA LEU A 220 17.88 -3.87 3.17
C LEU A 220 17.06 -2.87 3.97
N ALA A 221 15.72 -3.03 3.96
CA ALA A 221 14.82 -2.16 4.73
C ALA A 221 15.21 -2.24 6.20
N ASN A 222 15.36 -3.45 6.70
CA ASN A 222 15.73 -3.71 8.09
C ASN A 222 17.12 -3.16 8.43
N ASP A 223 18.07 -3.31 7.53
CA ASP A 223 19.43 -2.73 7.72
C ASP A 223 19.35 -1.24 7.99
N TYR A 224 18.57 -0.55 7.16
CA TYR A 224 18.31 0.89 7.28
C TYR A 224 17.59 1.21 8.58
N LEU A 225 16.54 0.46 8.87
CA LEU A 225 15.78 0.65 10.11
C LEU A 225 16.63 0.54 11.37
N THR A 226 17.35 -0.58 11.48
CA THR A 226 18.23 -0.83 12.62
C THR A 226 19.28 0.25 12.76
N ARG A 227 19.81 0.68 11.64
CA ARG A 227 20.76 1.77 11.63
C ARG A 227 20.22 3.05 12.24
N HIS A 228 18.95 3.35 11.99
CA HIS A 228 18.38 4.57 12.59
C HIS A 228 17.73 4.36 13.95
N ARG A 229 18.19 3.35 14.67
CA ARG A 229 17.75 3.07 16.02
C ARG A 229 16.23 2.80 16.06
N ARG A 230 15.71 2.24 14.97
CA ARG A 230 14.32 1.85 14.88
C ARG A 230 14.26 0.33 14.96
N GLU A 231 13.06 -0.16 15.22
CA GLU A 231 12.83 -1.55 15.52
C GLU A 231 12.61 -2.24 14.17
N THR A 232 13.29 -3.36 13.90
CA THR A 232 13.13 -4.05 12.61
C THR A 232 11.70 -4.53 12.32
N VAL A 233 11.42 -4.85 11.06
CA VAL A 233 10.23 -5.59 10.70
C VAL A 233 10.55 -7.09 10.70
N ASP A 234 9.73 -7.85 11.42
CA ASP A 234 9.77 -9.30 11.40
C ASP A 234 8.85 -9.73 10.25
N TRP A 235 9.46 -9.95 9.08
CA TRP A 235 8.70 -10.31 7.89
C TRP A 235 8.09 -11.70 8.00
N GLY A 236 8.73 -12.59 8.76
CA GLY A 236 8.21 -13.95 8.99
C GLY A 236 7.06 -14.09 9.97
N LEU A 237 6.74 -13.02 10.70
CA LEU A 237 5.57 -13.00 11.57
C LEU A 237 4.39 -12.78 10.65
N LEU A 238 3.72 -13.90 10.32
CA LEU A 238 2.45 -13.92 9.59
C LEU A 238 1.54 -14.99 10.18
#